data_5MB0
#
_entry.id   5MB0
#
_cell.length_a   45.377
_cell.length_b   73.079
_cell.length_c   52.529
_cell.angle_alpha   90.00
_cell.angle_beta   109.59
_cell.angle_gamma   90.00
#
_symmetry.space_group_name_H-M   'P 1 21 1'
#
loop_
_entity.id
_entity.type
_entity.pdbx_description
1 polymer Endothiapepsin
2 non-polymer 'DIMETHYL SULFOXIDE'
3 non-polymer GLYCEROL
4 non-polymer 2,5-dimethyl-N-(pyridin-4-yl)furan-3-carboxamide
5 non-polymer N-(pyridin-4-ylmethyl)-2,3-dihydro-1,4-benzodioxin-6-amine
6 non-polymer N-methyl-1-[5-(pyridin-3-yloxy)furan-2-yl]methanamine
7 water water
#
_entity_poly.entity_id   1
_entity_poly.type   'polypeptide(L)'
_entity_poly.pdbx_seq_one_letter_code
;STGSATTTPIDSLDDAYITPVQIGTPAQTLNLDFDTGSSDLWVFSSETTASEVDGQTIYTPSKSTTAKLLSGATWSISYG
DGSSSSGDVYTDTVSVGGLTVTGQAVESAKKVSSSFTEDSTIDGLLGLAFSTLNTVSPTQQKTFFDNAKASLDSPVFTAD
LGYHAPGTYNFGFIDTTAYTGSITYTAVSTKQGFWEWTSTGYAVGSGTFKSTSIDGIADTGTTLLYLPATVVSAYWAQVS
GAKSSSSVGGYVFPCSATLPSFTFGVGSARIVIPGDYIDFGPISTGSSSCFGGIQSSAGIGINIFGDVALKAAFVVFNGA
TTPTLGFASK
;
_entity_poly.pdbx_strand_id   A
#
# COMPACT_ATOMS: atom_id res chain seq x y z
N SER A 1 20.24 0.26 -13.46
CA SER A 1 19.01 -0.40 -13.99
C SER A 1 17.78 0.35 -13.50
N THR A 2 16.65 0.08 -14.15
CA THR A 2 15.35 0.58 -13.73
C THR A 2 14.31 -0.51 -13.98
N GLY A 3 13.13 -0.32 -13.38
CA GLY A 3 11.96 -1.10 -13.74
C GLY A 3 10.72 -0.23 -13.71
N SER A 4 9.69 -0.66 -14.45
CA SER A 4 8.45 0.10 -14.54
C SER A 4 7.32 -0.89 -14.77
N ALA A 5 6.32 -0.91 -13.87
CA ALA A 5 5.22 -1.86 -13.97
C ALA A 5 3.91 -1.12 -13.72
N THR A 6 2.87 -1.53 -14.43
CA THR A 6 1.54 -0.98 -14.22
C THR A 6 0.87 -1.66 -13.04
N THR A 7 0.19 -0.86 -12.23
CA THR A 7 -0.59 -1.34 -11.12
C THR A 7 -2.06 -1.03 -11.35
N THR A 8 -2.93 -1.99 -11.06
CA THR A 8 -4.33 -1.93 -11.47
C THR A 8 -5.23 -2.15 -10.27
N PRO A 9 -6.29 -1.34 -10.11
CA PRO A 9 -7.23 -1.61 -9.01
C PRO A 9 -7.88 -2.98 -9.16
N ILE A 10 -8.11 -3.65 -8.03
CA ILE A 10 -8.70 -4.98 -8.05
C ILE A 10 -10.20 -4.95 -8.28
N ASP A 11 -10.86 -3.82 -8.07
CA ASP A 11 -12.31 -3.74 -8.13
C ASP A 11 -12.68 -2.28 -8.37
N SER A 12 -13.99 -2.03 -8.47
CA SER A 12 -14.49 -0.71 -8.86
C SER A 12 -14.36 0.32 -7.75
N LEU A 13 -13.93 -0.08 -6.55
CA LEU A 13 -13.77 0.82 -5.42
C LEU A 13 -12.31 1.18 -5.15
N ASP A 14 -11.38 0.64 -5.93
CA ASP A 14 -9.95 0.78 -5.64
C ASP A 14 -9.61 0.23 -4.26
N ASP A 15 -10.17 -0.93 -3.92
CA ASP A 15 -9.92 -1.49 -2.59
C ASP A 15 -8.46 -1.89 -2.40
N ALA A 16 -7.78 -2.23 -3.47
CA ALA A 16 -6.35 -2.56 -3.45
C ALA A 16 -5.89 -2.55 -4.89
N TYR A 17 -4.58 -2.66 -5.08
CA TYR A 17 -3.97 -2.60 -6.39
C TYR A 17 -3.07 -3.82 -6.58
N ILE A 18 -3.07 -4.36 -7.78
CA ILE A 18 -2.21 -5.51 -8.10
C ILE A 18 -1.26 -5.15 -9.24
N THR A 19 -0.06 -5.70 -9.15
CA THR A 19 1.02 -5.44 -10.07
C THR A 19 1.62 -6.77 -10.48
N PRO A 20 1.81 -7.04 -11.78
CA PRO A 20 2.36 -8.33 -12.18
C PRO A 20 3.83 -8.42 -11.83
N VAL A 21 4.22 -9.60 -11.35
CA VAL A 21 5.59 -9.89 -10.92
C VAL A 21 5.98 -11.26 -11.49
N GLN A 22 7.17 -11.32 -12.09
CA GLN A 22 7.70 -12.57 -12.63
C GLN A 22 8.58 -13.25 -11.60
N ILE A 23 8.29 -14.52 -11.33
CA ILE A 23 9.04 -15.30 -10.34
C ILE A 23 9.50 -16.59 -10.99
N GLY A 24 10.79 -16.90 -10.85
CA GLY A 24 11.30 -18.19 -11.27
C GLY A 24 11.67 -18.28 -12.74
N THR A 25 12.13 -19.48 -13.10
CA THR A 25 12.60 -19.78 -14.44
C THR A 25 12.06 -21.15 -14.89
N PRO A 26 11.25 -21.20 -15.96
CA PRO A 26 10.67 -20.07 -16.70
C PRO A 26 9.80 -19.21 -15.80
N ALA A 27 9.52 -17.99 -16.23
CA ALA A 27 8.77 -17.06 -15.39
C ALA A 27 7.40 -17.62 -15.06
N GLN A 28 7.02 -17.42 -13.79
CA GLN A 28 5.65 -17.58 -13.33
C GLN A 28 5.16 -16.19 -12.94
N THR A 29 4.12 -15.68 -13.59
CA THR A 29 3.65 -14.33 -13.33
C THR A 29 2.51 -14.38 -12.34
N LEU A 30 2.70 -13.72 -11.20
CA LEU A 30 1.69 -13.57 -10.16
C LEU A 30 1.38 -12.09 -9.98
N ASN A 31 0.13 -11.80 -9.62
CA ASN A 31 -0.31 -10.42 -9.41
C ASN A 31 -0.26 -10.12 -7.92
N LEU A 32 0.69 -9.27 -7.52
CA LEU A 32 0.96 -9.02 -6.13
C LEU A 32 0.50 -7.63 -5.71
N ASP A 33 0.18 -7.53 -4.43
CA ASP A 33 -0.21 -6.28 -3.79
C ASP A 33 1.04 -5.64 -3.22
N PHE A 34 1.54 -4.58 -3.88
CA PHE A 34 2.73 -3.88 -3.42
C PHE A 34 2.40 -3.07 -2.18
N ASP A 35 3.12 -3.32 -1.10
CA ASP A 35 2.72 -2.86 0.23
C ASP A 35 3.87 -2.12 0.89
N THR A 36 3.87 -0.79 0.84
CA THR A 36 4.91 0.00 1.50
C THR A 36 4.79 0.02 3.02
N GLY A 37 3.80 -0.68 3.59
CA GLY A 37 3.68 -0.83 5.02
C GLY A 37 4.11 -2.17 5.58
N SER A 38 4.65 -3.07 4.76
CA SER A 38 5.19 -4.33 5.26
C SER A 38 6.40 -4.72 4.41
N SER A 39 7.05 -5.83 4.80
CA SER A 39 8.40 -6.10 4.29
C SER A 39 8.61 -7.54 3.92
N ASP A 40 7.54 -8.27 3.63
CA ASP A 40 7.58 -9.66 3.21
C ASP A 40 7.04 -9.75 1.79
N LEU A 41 7.75 -10.51 0.95
CA LEU A 41 7.27 -10.88 -0.37
C LEU A 41 6.78 -12.31 -0.22
N TRP A 42 5.46 -12.49 -0.18
CA TRP A 42 4.89 -13.82 -0.01
C TRP A 42 3.85 -14.08 -1.08
N VAL A 43 3.68 -15.35 -1.41
CA VAL A 43 2.83 -15.78 -2.52
C VAL A 43 2.00 -17.00 -2.15
N PHE A 44 0.80 -17.06 -2.71
CA PHE A 44 0.10 -18.33 -2.83
C PHE A 44 0.97 -19.28 -3.62
N SER A 45 0.94 -20.56 -3.26
CA SER A 45 1.90 -21.49 -3.83
C SER A 45 1.30 -22.90 -3.89
N SER A 46 2.06 -23.80 -4.51
CA SER A 46 1.74 -25.23 -4.52
C SER A 46 1.74 -25.83 -3.11
N GLU A 47 2.28 -25.12 -2.12
CA GLU A 47 2.27 -25.55 -0.72
C GLU A 47 1.08 -25.03 0.06
N THR A 48 0.29 -24.11 -0.49
CA THR A 48 -0.82 -23.53 0.26
C THR A 48 -1.91 -24.58 0.43
N THR A 49 -2.40 -24.72 1.67
CA THR A 49 -3.52 -25.60 1.97
C THR A 49 -4.59 -25.46 0.90
N ALA A 50 -4.97 -26.58 0.28
CA ALA A 50 -5.78 -26.54 -0.93
C ALA A 50 -7.11 -25.85 -0.71
N SER A 51 -7.76 -26.10 0.43
CA SER A 51 -9.04 -25.47 0.74
C SER A 51 -8.95 -23.96 0.92
N GLU A 52 -7.73 -23.41 1.06
CA GLU A 52 -7.53 -21.98 1.24
C GLU A 52 -7.17 -21.27 -0.04
N VAL A 53 -7.14 -21.99 -1.17
CA VAL A 53 -6.91 -21.41 -2.48
C VAL A 53 -8.23 -21.40 -3.21
N ASP A 54 -8.64 -20.23 -3.70
CA ASP A 54 -9.91 -20.07 -4.40
C ASP A 54 -9.72 -19.05 -5.54
N GLY A 55 -9.07 -19.49 -6.60
CA GLY A 55 -8.91 -18.71 -7.81
C GLY A 55 -7.59 -18.01 -7.99
N GLN A 56 -6.73 -18.00 -6.97
CA GLN A 56 -5.44 -17.32 -7.09
C GLN A 56 -4.51 -18.11 -8.01
N THR A 57 -3.60 -17.38 -8.65
CA THR A 57 -2.49 -18.03 -9.32
C THR A 57 -1.43 -18.39 -8.29
N ILE A 58 -0.87 -19.59 -8.41
CA ILE A 58 0.08 -20.09 -7.43
C ILE A 58 1.48 -20.15 -8.04
N TYR A 59 2.46 -19.92 -7.17
CA TYR A 59 3.87 -20.18 -7.48
C TYR A 59 4.18 -21.64 -7.16
N THR A 60 4.79 -22.34 -8.10
CA THR A 60 5.19 -23.73 -7.92
C THR A 60 6.71 -23.82 -7.97
N PRO A 61 7.40 -23.80 -6.83
CA PRO A 61 8.87 -23.76 -6.89
C PRO A 61 9.47 -24.97 -7.59
N SER A 62 8.83 -26.13 -7.54
CA SER A 62 9.40 -27.32 -8.17
C SER A 62 9.46 -27.19 -9.68
N LYS A 63 8.74 -26.23 -10.27
CA LYS A 63 8.80 -25.98 -11.71
C LYS A 63 9.79 -24.89 -12.08
N SER A 64 10.50 -24.32 -11.12
CA SER A 64 11.47 -23.26 -11.36
C SER A 64 12.88 -23.81 -11.20
N THR A 65 13.67 -23.73 -12.26
CA THR A 65 15.04 -24.24 -12.22
C THR A 65 15.97 -23.37 -11.38
N THR A 66 15.54 -22.17 -11.02
CA THR A 66 16.34 -21.28 -10.18
C THR A 66 15.86 -21.23 -8.73
N ALA A 67 14.77 -21.92 -8.39
CA ALA A 67 14.28 -21.93 -7.01
C ALA A 67 15.18 -22.80 -6.14
N LYS A 68 15.43 -22.31 -4.92
CA LYS A 68 16.17 -23.08 -3.92
C LYS A 68 15.45 -22.93 -2.59
N LEU A 69 15.19 -24.05 -1.90
CA LEU A 69 14.65 -23.97 -0.55
C LEU A 69 15.64 -23.25 0.34
N LEU A 70 15.15 -22.29 1.11
CA LEU A 70 15.97 -21.63 2.12
C LEU A 70 15.78 -22.46 3.38
N SER A 71 16.72 -23.38 3.61
CA SER A 71 16.50 -24.45 4.57
C SER A 71 16.31 -23.89 5.96
N GLY A 72 15.25 -24.36 6.62
CA GLY A 72 14.96 -24.01 7.99
C GLY A 72 14.25 -22.70 8.18
N ALA A 73 14.05 -21.93 7.12
CA ALA A 73 13.44 -20.61 7.25
C ALA A 73 11.92 -20.70 7.22
N THR A 74 11.29 -19.98 8.13
CA THR A 74 9.84 -19.87 8.16
C THR A 74 9.45 -18.40 8.30
N TRP A 75 8.18 -18.12 8.03
CA TRP A 75 7.68 -16.76 8.15
C TRP A 75 6.24 -16.81 8.62
N SER A 76 5.80 -15.73 9.25
CA SER A 76 4.44 -15.63 9.74
C SER A 76 4.15 -14.15 9.96
N ILE A 77 3.06 -13.68 9.37
CA ILE A 77 2.75 -12.25 9.42
C ILE A 77 1.27 -12.05 9.70
N SER A 78 0.98 -10.98 10.42
CA SER A 78 -0.38 -10.53 10.68
C SER A 78 -0.44 -9.05 10.34
N TYR A 79 -1.46 -8.65 9.60
CA TYR A 79 -1.63 -7.28 9.18
C TYR A 79 -2.65 -6.58 10.08
N GLY A 80 -2.66 -5.25 9.97
CA GLY A 80 -3.44 -4.43 10.89
C GLY A 80 -4.93 -4.72 10.88
N ASP A 81 -5.43 -5.36 9.82
CA ASP A 81 -6.85 -5.61 9.69
C ASP A 81 -7.26 -6.99 10.14
N GLY A 82 -6.35 -7.74 10.76
CA GLY A 82 -6.68 -9.07 11.24
C GLY A 82 -6.38 -10.19 10.27
N SER A 83 -5.91 -9.89 9.06
CA SER A 83 -5.55 -10.95 8.14
C SER A 83 -4.14 -11.44 8.43
N SER A 84 -3.82 -12.63 7.92
CA SER A 84 -2.54 -13.24 8.25
C SER A 84 -2.21 -14.36 7.27
N SER A 85 -0.94 -14.75 7.27
CA SER A 85 -0.45 -15.84 6.44
C SER A 85 0.90 -16.29 7.01
N SER A 86 1.30 -17.50 6.61
CA SER A 86 2.56 -18.05 7.11
C SER A 86 3.03 -19.18 6.19
N GLY A 87 4.31 -19.53 6.30
CA GLY A 87 4.81 -20.63 5.49
C GLY A 87 6.31 -20.78 5.58
N ASP A 88 6.90 -21.29 4.50
CA ASP A 88 8.34 -21.50 4.39
C ASP A 88 8.88 -20.60 3.28
N VAL A 89 10.15 -20.78 2.93
CA VAL A 89 10.84 -19.77 2.14
C VAL A 89 11.71 -20.42 1.08
N TYR A 90 11.67 -19.86 -0.13
CA TYR A 90 12.56 -20.17 -1.22
C TYR A 90 13.33 -18.92 -1.58
N THR A 91 14.47 -19.08 -2.24
CA THR A 91 15.06 -17.99 -3.00
C THR A 91 14.86 -18.26 -4.49
N ASP A 92 14.62 -17.21 -5.25
CA ASP A 92 14.40 -17.36 -6.68
C ASP A 92 14.62 -16.01 -7.34
N THR A 93 14.61 -16.03 -8.67
CA THR A 93 14.74 -14.82 -9.44
C THR A 93 13.39 -14.13 -9.54
N VAL A 94 13.36 -12.84 -9.23
CA VAL A 94 12.13 -12.05 -9.22
C VAL A 94 12.35 -10.83 -10.10
N SER A 95 11.41 -10.56 -11.01
CA SER A 95 11.51 -9.39 -11.86
C SER A 95 10.21 -8.60 -11.80
N VAL A 96 10.36 -7.28 -11.73
CA VAL A 96 9.24 -6.34 -11.71
C VAL A 96 9.49 -5.35 -12.85
N GLY A 97 8.63 -5.36 -13.85
CA GLY A 97 8.70 -4.33 -14.87
C GLY A 97 10.05 -4.25 -15.53
N GLY A 98 10.73 -5.38 -15.72
CA GLY A 98 12.03 -5.40 -16.35
C GLY A 98 13.23 -5.34 -15.42
N LEU A 99 13.03 -5.10 -14.14
CA LEU A 99 14.12 -5.05 -13.15
C LEU A 99 14.20 -6.40 -12.46
N THR A 100 15.37 -7.02 -12.48
CA THR A 100 15.55 -8.37 -11.97
C THR A 100 16.43 -8.41 -10.73
N VAL A 101 15.98 -9.16 -9.72
CA VAL A 101 16.78 -9.51 -8.55
C VAL A 101 16.94 -11.03 -8.53
N THR A 102 18.19 -11.50 -8.46
CA THR A 102 18.44 -12.92 -8.23
C THR A 102 18.59 -13.18 -6.75
N GLY A 103 18.16 -14.34 -6.30
CA GLY A 103 18.30 -14.69 -4.90
C GLY A 103 17.33 -14.00 -3.97
N GLN A 104 16.22 -13.49 -4.50
CA GLN A 104 15.20 -12.87 -3.68
C GLN A 104 14.50 -13.91 -2.83
N ALA A 105 14.27 -13.59 -1.55
CA ALA A 105 13.44 -14.45 -0.71
C ALA A 105 11.98 -14.35 -1.16
N VAL A 106 11.43 -15.49 -1.56
CA VAL A 106 10.04 -15.64 -1.96
C VAL A 106 9.40 -16.53 -0.90
N GLU A 107 8.52 -15.94 -0.11
CA GLU A 107 7.92 -16.62 1.03
C GLU A 107 6.67 -17.35 0.56
N SER A 108 6.70 -18.67 0.65
CA SER A 108 5.64 -19.51 0.10
C SER A 108 4.61 -19.79 1.19
N ALA A 109 3.35 -19.45 0.94
CA ALA A 109 2.34 -19.61 1.98
C ALA A 109 1.94 -21.07 2.11
N LYS A 110 1.97 -21.57 3.34
CA LYS A 110 1.30 -22.81 3.68
C LYS A 110 -0.11 -22.58 4.19
N LYS A 111 -0.34 -21.45 4.84
CA LYS A 111 -1.64 -21.10 5.39
C LYS A 111 -1.91 -19.64 5.09
N VAL A 112 -3.15 -19.33 4.75
CA VAL A 112 -3.60 -17.95 4.62
C VAL A 112 -4.94 -17.82 5.31
N SER A 113 -5.23 -16.64 5.84
CA SER A 113 -6.51 -16.41 6.51
C SER A 113 -7.62 -16.19 5.48
N SER A 114 -8.85 -16.20 5.99
CA SER A 114 -10.01 -16.30 5.11
C SER A 114 -10.11 -15.12 4.15
N SER A 115 -9.73 -13.91 4.57
N SER A 115 -9.74 -13.92 4.58
CA SER A 115 -9.88 -12.78 3.67
CA SER A 115 -9.83 -12.75 3.71
C SER A 115 -8.87 -12.82 2.52
C SER A 115 -8.90 -12.87 2.51
N PHE A 116 -7.75 -13.53 2.68
CA PHE A 116 -6.87 -13.76 1.54
C PHE A 116 -7.50 -14.76 0.57
N THR A 117 -8.04 -15.85 1.09
CA THR A 117 -8.71 -16.83 0.23
C THR A 117 -9.80 -16.16 -0.59
N GLU A 118 -10.54 -15.24 0.04
CA GLU A 118 -11.68 -14.59 -0.58
C GLU A 118 -11.29 -13.60 -1.67
N ASP A 119 -10.05 -13.11 -1.69
CA ASP A 119 -9.59 -12.15 -2.70
C ASP A 119 -8.93 -12.94 -3.82
N SER A 120 -9.72 -13.41 -4.79
CA SER A 120 -9.18 -14.22 -5.87
C SER A 120 -8.21 -13.46 -6.76
N THR A 121 -8.22 -12.13 -6.72
CA THR A 121 -7.37 -11.30 -7.57
C THR A 121 -5.98 -11.05 -7.01
N ILE A 122 -5.74 -11.35 -5.74
CA ILE A 122 -4.47 -11.03 -5.09
C ILE A 122 -3.72 -12.34 -4.84
N ASP A 123 -2.61 -12.52 -5.55
CA ASP A 123 -1.80 -13.74 -5.47
C ASP A 123 -0.72 -13.68 -4.39
N GLY A 124 -0.62 -12.58 -3.66
CA GLY A 124 0.38 -12.41 -2.64
C GLY A 124 0.69 -10.95 -2.48
N LEU A 125 1.67 -10.66 -1.63
CA LEU A 125 2.10 -9.31 -1.30
C LEU A 125 3.57 -9.14 -1.61
N LEU A 126 3.95 -7.93 -1.99
CA LEU A 126 5.36 -7.58 -2.15
C LEU A 126 5.64 -6.38 -1.26
N GLY A 127 6.33 -6.63 -0.15
CA GLY A 127 6.57 -5.59 0.83
C GLY A 127 7.67 -4.63 0.40
N LEU A 128 7.43 -3.35 0.70
CA LEU A 128 8.33 -2.26 0.33
C LEU A 128 8.61 -1.32 1.51
N ALA A 129 8.27 -1.72 2.73
CA ALA A 129 8.75 -1.03 3.92
C ALA A 129 10.20 -1.43 4.17
N PHE A 130 10.75 -1.08 5.32
CA PHE A 130 12.16 -1.36 5.59
C PHE A 130 12.34 -2.81 6.02
N SER A 131 13.50 -3.37 5.64
CA SER A 131 13.72 -4.82 5.81
C SER A 131 13.76 -5.23 7.27
N THR A 132 13.94 -4.28 8.20
CA THR A 132 13.87 -4.59 9.62
C THR A 132 12.52 -5.18 10.04
N LEU A 133 11.45 -4.97 9.26
CA LEU A 133 10.15 -5.58 9.56
C LEU A 133 9.96 -6.97 8.96
N ASN A 134 10.90 -7.47 8.16
CA ASN A 134 10.69 -8.76 7.52
C ASN A 134 10.57 -9.85 8.58
N THR A 135 9.65 -10.79 8.38
CA THR A 135 9.31 -11.76 9.43
C THR A 135 10.06 -13.08 9.31
N VAL A 136 10.93 -13.26 8.31
CA VAL A 136 11.58 -14.56 8.15
C VAL A 136 12.48 -14.85 9.33
N SER A 137 12.39 -16.08 9.83
CA SER A 137 13.16 -16.57 10.95
C SER A 137 13.81 -17.90 10.54
N PRO A 138 15.05 -18.17 10.98
CA PRO A 138 15.86 -17.38 11.92
C PRO A 138 16.75 -16.34 11.28
N THR A 139 16.73 -16.24 9.95
CA THR A 139 17.58 -15.30 9.21
C THR A 139 16.66 -14.34 8.47
N GLN A 140 16.58 -13.12 8.96
CA GLN A 140 15.72 -12.12 8.36
C GLN A 140 16.17 -11.85 6.94
N GLN A 141 15.20 -11.61 6.05
CA GLN A 141 15.45 -11.40 4.63
C GLN A 141 15.17 -9.96 4.21
N LYS A 142 15.76 -9.58 3.08
CA LYS A 142 15.63 -8.24 2.52
C LYS A 142 14.49 -8.13 1.54
N THR A 143 13.89 -6.95 1.48
CA THR A 143 12.87 -6.67 0.48
C THR A 143 13.46 -6.62 -0.93
N PHE A 144 12.55 -6.72 -1.90
CA PHE A 144 12.93 -6.60 -3.29
C PHE A 144 13.65 -5.28 -3.54
N PHE A 145 13.13 -4.18 -2.98
CA PHE A 145 13.76 -2.87 -3.17
C PHE A 145 15.15 -2.84 -2.57
N ASP A 146 15.28 -3.36 -1.33
N ASP A 146 15.29 -3.34 -1.34
CA ASP A 146 16.56 -3.41 -0.65
CA ASP A 146 16.62 -3.34 -0.73
C ASP A 146 17.60 -4.19 -1.47
C ASP A 146 17.60 -4.16 -1.56
N ASN A 147 17.18 -5.33 -2.05
CA ASN A 147 18.08 -6.12 -2.87
C ASN A 147 18.43 -5.43 -4.18
N ALA A 148 17.50 -4.68 -4.77
CA ALA A 148 17.73 -4.05 -6.05
C ALA A 148 18.51 -2.74 -5.94
N LYS A 149 18.50 -2.12 -4.77
CA LYS A 149 18.86 -0.71 -4.63
C LYS A 149 20.21 -0.39 -5.24
N ALA A 150 21.22 -1.21 -4.94
CA ALA A 150 22.58 -0.88 -5.37
C ALA A 150 22.71 -0.88 -6.88
N SER A 151 21.85 -1.62 -7.57
N SER A 151 21.85 -1.64 -7.58
CA SER A 151 21.89 -1.73 -9.02
CA SER A 151 21.90 -1.72 -9.02
C SER A 151 21.06 -0.66 -9.71
C SER A 151 21.14 -0.58 -9.69
N LEU A 152 20.22 0.06 -8.98
CA LEU A 152 19.34 1.03 -9.58
C LEU A 152 20.10 2.29 -9.98
N ASP A 153 19.59 2.98 -11.00
CA ASP A 153 20.22 4.23 -11.42
C ASP A 153 20.17 5.27 -10.29
N SER A 154 19.08 5.27 -9.51
CA SER A 154 18.90 6.13 -8.35
C SER A 154 18.17 5.26 -7.31
N PRO A 155 18.51 5.42 -6.00
CA PRO A 155 17.98 4.47 -4.99
C PRO A 155 16.57 4.82 -4.53
N VAL A 156 15.63 4.73 -5.45
CA VAL A 156 14.26 5.21 -5.24
C VAL A 156 13.27 4.26 -5.88
N PHE A 157 12.03 4.32 -5.40
CA PHE A 157 10.91 3.84 -6.17
C PHE A 157 9.79 4.85 -6.03
N THR A 158 8.87 4.84 -6.98
CA THR A 158 7.75 5.77 -6.96
C THR A 158 6.44 5.03 -7.10
N ALA A 159 5.42 5.57 -6.42
CA ALA A 159 4.06 5.07 -6.50
C ALA A 159 3.19 6.13 -7.13
N ASP A 160 2.51 5.77 -8.21
CA ASP A 160 1.59 6.65 -8.93
C ASP A 160 0.29 5.86 -9.10
N LEU A 161 -0.52 5.82 -8.04
CA LEU A 161 -1.74 5.03 -8.04
C LEU A 161 -2.86 5.81 -8.72
N GLY A 162 -3.70 5.11 -9.48
CA GLY A 162 -4.81 5.75 -10.14
C GLY A 162 -6.10 5.71 -9.35
N TYR A 163 -6.95 6.68 -9.61
CA TYR A 163 -8.32 6.67 -9.11
C TYR A 163 -9.19 6.03 -10.19
N HIS A 164 -9.75 4.86 -9.89
CA HIS A 164 -10.57 4.14 -10.86
C HIS A 164 -9.83 3.93 -12.17
N ALA A 165 -8.53 3.70 -12.11
CA ALA A 165 -7.75 3.62 -13.33
C ALA A 165 -6.40 3.02 -12.99
N PRO A 166 -5.70 2.47 -13.96
CA PRO A 166 -4.35 1.96 -13.72
C PRO A 166 -3.36 3.08 -13.41
N GLY A 167 -2.24 2.68 -12.82
CA GLY A 167 -1.18 3.58 -12.45
C GLY A 167 0.14 2.86 -12.58
N THR A 168 1.18 3.35 -11.93
CA THR A 168 2.53 2.87 -12.18
C THR A 168 3.36 2.80 -10.91
N TYR A 169 4.15 1.73 -10.79
CA TYR A 169 5.29 1.65 -9.86
C TYR A 169 6.56 1.68 -10.70
N ASN A 170 7.43 2.65 -10.43
CA ASN A 170 8.74 2.74 -11.07
C ASN A 170 9.83 2.52 -10.04
N PHE A 171 10.91 1.85 -10.47
CA PHE A 171 12.07 1.60 -9.64
C PHE A 171 13.29 2.21 -10.32
N GLY A 172 14.02 3.04 -9.58
CA GLY A 172 15.30 3.53 -10.02
C GLY A 172 15.32 4.84 -10.76
N PHE A 173 14.15 5.46 -10.99
CA PHE A 173 14.09 6.73 -11.70
C PHE A 173 12.80 7.44 -11.35
N ILE A 174 12.81 8.76 -11.52
N ILE A 174 12.86 8.77 -11.48
CA ILE A 174 11.65 9.60 -11.31
CA ILE A 174 11.71 9.66 -11.37
C ILE A 174 11.18 10.11 -12.66
C ILE A 174 11.25 9.98 -12.79
N ASP A 175 9.97 9.72 -13.07
CA ASP A 175 9.38 10.10 -14.34
C ASP A 175 8.88 11.52 -14.22
N THR A 176 9.64 12.47 -14.76
CA THR A 176 9.30 13.88 -14.60
C THR A 176 8.07 14.28 -15.40
N THR A 177 7.54 13.39 -16.24
CA THR A 177 6.29 13.66 -16.94
C THR A 177 5.05 13.22 -16.16
N ALA A 178 5.23 12.56 -15.02
CA ALA A 178 4.12 11.95 -14.31
C ALA A 178 3.51 12.84 -13.23
N TYR A 179 4.01 14.06 -13.05
CA TYR A 179 3.49 14.93 -12.01
C TYR A 179 3.54 16.37 -12.48
N THR A 180 2.79 17.21 -11.79
CA THR A 180 2.78 18.64 -12.06
C THR A 180 3.57 19.34 -10.97
N GLY A 181 4.06 20.54 -11.27
CA GLY A 181 4.79 21.32 -10.31
C GLY A 181 6.07 20.61 -9.88
N SER A 182 6.43 20.81 -8.61
N SER A 182 6.42 20.78 -8.61
CA SER A 182 7.65 20.24 -8.05
CA SER A 182 7.63 20.21 -8.05
C SER A 182 7.31 19.17 -7.00
C SER A 182 7.29 19.15 -7.01
N ILE A 183 8.30 18.33 -6.70
CA ILE A 183 8.19 17.31 -5.66
C ILE A 183 8.69 17.92 -4.36
N THR A 184 7.86 17.89 -3.31
CA THR A 184 8.26 18.34 -1.98
C THR A 184 8.69 17.15 -1.15
N TYR A 185 9.95 17.18 -0.71
CA TYR A 185 10.48 16.11 0.11
C TYR A 185 10.37 16.45 1.59
N THR A 186 10.17 15.40 2.38
CA THR A 186 9.94 15.52 3.81
C THR A 186 10.66 14.39 4.54
N ALA A 187 11.02 14.64 5.79
CA ALA A 187 11.83 13.71 6.56
C ALA A 187 11.07 12.43 6.91
N VAL A 188 11.82 11.34 7.02
CA VAL A 188 11.30 10.02 7.36
C VAL A 188 12.00 9.52 8.60
N SER A 189 11.23 8.93 9.52
CA SER A 189 11.79 8.13 10.58
C SER A 189 11.64 6.66 10.21
N THR A 190 12.74 5.91 10.30
CA THR A 190 12.71 4.47 10.05
C THR A 190 12.64 3.66 11.33
N LYS A 191 12.46 4.31 12.48
CA LYS A 191 12.58 3.61 13.75
C LYS A 191 11.53 2.53 13.96
N GLN A 192 10.34 2.66 13.35
CA GLN A 192 9.33 1.62 13.43
C GLN A 192 9.29 0.74 12.19
N GLY A 193 10.24 0.94 11.27
CA GLY A 193 10.32 0.16 10.04
C GLY A 193 9.45 0.63 8.90
N PHE A 194 8.73 1.74 9.08
CA PHE A 194 7.81 2.27 8.09
C PHE A 194 8.39 3.51 7.43
N TRP A 195 7.73 3.92 6.35
CA TRP A 195 7.96 5.22 5.72
C TRP A 195 7.13 6.22 6.51
N GLU A 196 7.65 6.59 7.68
CA GLU A 196 6.94 7.39 8.67
C GLU A 196 7.38 8.84 8.55
N TRP A 197 6.42 9.75 8.46
CA TRP A 197 6.67 11.15 8.18
C TRP A 197 5.65 11.98 8.96
N THR A 198 5.78 13.30 8.88
CA THR A 198 4.89 14.20 9.60
C THR A 198 4.26 15.18 8.62
N SER A 199 2.95 15.06 8.42
CA SER A 199 2.21 16.03 7.65
C SER A 199 2.09 17.33 8.46
N THR A 200 2.01 18.44 7.73
CA THR A 200 1.98 19.76 8.36
C THR A 200 0.57 20.30 8.57
N GLY A 201 -0.47 19.56 8.19
CA GLY A 201 -1.82 19.96 8.55
C GLY A 201 -2.84 19.52 7.51
N TYR A 202 -4.02 20.13 7.58
CA TYR A 202 -5.09 19.69 6.70
C TYR A 202 -6.10 20.81 6.48
N ALA A 203 -6.92 20.64 5.44
CA ALA A 203 -8.10 21.46 5.23
C ALA A 203 -9.23 20.54 4.76
N VAL A 204 -10.46 20.98 5.00
CA VAL A 204 -11.66 20.26 4.57
C VAL A 204 -12.35 21.13 3.52
N GLY A 205 -12.51 20.59 2.32
CA GLY A 205 -13.15 21.35 1.26
C GLY A 205 -12.44 22.66 1.01
N SER A 206 -13.21 23.73 0.90
CA SER A 206 -12.66 25.05 0.65
C SER A 206 -12.27 25.78 1.93
N GLY A 207 -12.25 25.07 3.06
CA GLY A 207 -11.98 25.67 4.34
C GLY A 207 -10.52 26.07 4.51
N THR A 208 -10.29 26.85 5.56
CA THR A 208 -8.94 27.31 5.86
C THR A 208 -8.07 26.15 6.33
N PHE A 209 -6.81 26.18 5.91
CA PHE A 209 -5.85 25.15 6.30
C PHE A 209 -5.48 25.29 7.77
N LYS A 210 -5.51 24.16 8.49
CA LYS A 210 -5.13 24.08 9.89
C LYS A 210 -3.70 23.55 9.97
N SER A 211 -2.78 24.37 10.48
N SER A 211 -2.80 24.37 10.49
CA SER A 211 -1.41 23.94 10.67
CA SER A 211 -1.41 23.96 10.69
C SER A 211 -1.30 23.13 11.94
C SER A 211 -1.33 23.12 11.96
N THR A 212 -0.97 21.84 11.80
CA THR A 212 -0.86 20.93 12.93
C THR A 212 -0.08 19.72 12.44
N SER A 213 0.82 19.22 13.28
CA SER A 213 1.68 18.09 12.90
C SER A 213 0.91 16.78 13.05
N ILE A 214 0.93 15.97 12.00
CA ILE A 214 0.26 14.67 12.00
C ILE A 214 1.29 13.63 11.56
N ASP A 215 1.86 12.91 12.52
N ASP A 215 1.77 12.83 12.51
CA ASP A 215 2.73 11.80 12.22
CA ASP A 215 2.75 11.79 12.23
C ASP A 215 1.91 10.69 11.57
C ASP A 215 2.06 10.53 11.73
N GLY A 216 2.48 10.03 10.57
CA GLY A 216 1.82 8.86 10.02
C GLY A 216 2.71 8.16 9.01
N ILE A 217 2.17 7.10 8.42
CA ILE A 217 2.98 6.29 7.50
C ILE A 217 2.38 6.34 6.10
N ALA A 218 3.26 6.30 5.11
CA ALA A 218 2.83 6.18 3.71
C ALA A 218 2.71 4.69 3.40
N ASP A 219 1.47 4.21 3.24
CA ASP A 219 1.19 2.77 3.20
C ASP A 219 0.30 2.39 2.01
N THR A 220 0.92 1.95 0.92
CA THR A 220 0.14 1.56 -0.25
C THR A 220 -0.70 0.31 -0.01
N GLY A 221 -0.39 -0.46 1.03
CA GLY A 221 -1.15 -1.65 1.33
C GLY A 221 -2.37 -1.46 2.20
N THR A 222 -2.66 -0.24 2.62
CA THR A 222 -3.87 0.11 3.37
C THR A 222 -4.78 0.91 2.45
N THR A 223 -6.05 0.52 2.37
CA THR A 223 -6.95 1.17 1.41
C THR A 223 -7.24 2.62 1.78
N LEU A 224 -7.57 2.87 3.05
CA LEU A 224 -8.16 4.13 3.45
C LEU A 224 -7.14 5.06 4.10
N LEU A 225 -7.61 6.28 4.38
CA LEU A 225 -6.87 7.31 5.09
C LEU A 225 -7.32 7.31 6.54
N TYR A 226 -6.44 6.95 7.45
CA TYR A 226 -6.73 6.87 8.88
C TYR A 226 -6.01 7.99 9.61
N LEU A 227 -6.77 8.88 10.24
CA LEU A 227 -6.24 10.09 10.85
C LEU A 227 -6.83 10.28 12.24
N PRO A 228 -6.28 11.20 13.04
CA PRO A 228 -6.78 11.37 14.40
C PRO A 228 -8.26 11.71 14.42
N ALA A 229 -8.93 11.28 15.49
CA ALA A 229 -10.38 11.45 15.61
C ALA A 229 -10.81 12.90 15.46
N THR A 230 -10.01 13.85 15.95
CA THR A 230 -10.39 15.26 15.81
C THR A 230 -10.47 15.67 14.35
N VAL A 231 -9.49 15.26 13.55
CA VAL A 231 -9.43 15.61 12.13
C VAL A 231 -10.58 14.95 11.39
N VAL A 232 -10.84 13.69 11.69
CA VAL A 232 -11.86 12.93 10.99
C VAL A 232 -13.25 13.48 11.32
N SER A 233 -13.48 13.87 12.58
CA SER A 233 -14.74 14.48 12.96
C SER A 233 -14.96 15.80 12.23
N ALA A 234 -13.91 16.61 12.13
CA ALA A 234 -14.01 17.87 11.41
C ALA A 234 -14.35 17.66 9.93
N TYR A 235 -13.83 16.61 9.31
CA TYR A 235 -14.19 16.28 7.94
C TYR A 235 -15.67 15.92 7.82
N TRP A 236 -16.10 14.89 8.58
CA TRP A 236 -17.44 14.36 8.39
C TRP A 236 -18.53 15.32 8.88
N ALA A 237 -18.19 16.26 9.76
CA ALA A 237 -19.15 17.28 10.16
C ALA A 237 -19.60 18.14 8.99
N GLN A 238 -18.83 18.16 7.90
CA GLN A 238 -19.22 18.93 6.72
C GLN A 238 -20.13 18.17 5.77
N VAL A 239 -20.51 16.94 6.10
CA VAL A 239 -21.33 16.09 5.24
C VAL A 239 -22.66 15.85 5.95
N SER A 240 -23.75 16.37 5.37
N SER A 240 -23.75 16.37 5.38
CA SER A 240 -25.06 16.19 5.98
CA SER A 240 -25.05 16.25 6.03
C SER A 240 -25.39 14.72 6.13
C SER A 240 -25.46 14.78 6.13
N GLY A 241 -25.78 14.34 7.34
CA GLY A 241 -26.19 12.98 7.59
C GLY A 241 -25.07 12.01 7.89
N ALA A 242 -23.82 12.44 7.84
CA ALA A 242 -22.72 11.54 8.15
C ALA A 242 -22.68 11.26 9.65
N LYS A 243 -22.27 10.04 10.01
CA LYS A 243 -22.23 9.64 11.40
C LYS A 243 -21.24 8.49 11.53
N SER A 244 -20.71 8.34 12.74
CA SER A 244 -19.89 7.18 13.05
C SER A 244 -20.80 6.06 13.52
N SER A 245 -20.73 4.93 12.85
CA SER A 245 -21.58 3.78 13.12
C SER A 245 -20.76 2.70 13.79
N SER A 246 -21.11 2.38 15.05
N SER A 246 -21.11 2.38 15.05
CA SER A 246 -20.45 1.28 15.73
CA SER A 246 -20.42 1.28 15.72
C SER A 246 -20.73 -0.04 15.02
C SER A 246 -20.74 -0.06 15.05
N SER A 247 -21.95 -0.22 14.51
CA SER A 247 -22.31 -1.49 13.88
C SER A 247 -21.54 -1.71 12.59
N VAL A 248 -21.31 -0.65 11.83
CA VAL A 248 -20.61 -0.81 10.56
C VAL A 248 -19.09 -0.79 10.76
N GLY A 249 -18.62 -0.05 11.76
CA GLY A 249 -17.20 0.04 12.04
C GLY A 249 -16.52 1.31 11.57
N GLY A 250 -17.25 2.40 11.44
CA GLY A 250 -16.64 3.65 11.04
C GLY A 250 -17.68 4.63 10.57
N TYR A 251 -17.19 5.71 9.98
CA TYR A 251 -18.06 6.75 9.45
C TYR A 251 -18.74 6.27 8.18
N VAL A 252 -20.03 6.55 8.13
CA VAL A 252 -20.90 6.31 6.99
C VAL A 252 -21.60 7.61 6.66
N PHE A 253 -22.10 7.70 5.44
CA PHE A 253 -22.75 8.92 5.00
C PHE A 253 -23.78 8.57 3.94
N PRO A 254 -24.75 9.46 3.69
CA PRO A 254 -25.75 9.14 2.68
C PRO A 254 -25.13 9.02 1.31
N CYS A 255 -25.47 7.95 0.58
CA CYS A 255 -24.90 7.77 -0.74
C CYS A 255 -25.29 8.90 -1.69
N SER A 256 -26.34 9.65 -1.36
CA SER A 256 -26.75 10.80 -2.16
C SER A 256 -25.86 12.02 -1.98
N ALA A 257 -24.92 12.01 -1.05
CA ALA A 257 -24.06 13.17 -0.81
C ALA A 257 -22.97 13.30 -1.86
N THR A 258 -22.59 14.55 -2.12
CA THR A 258 -21.35 14.89 -2.81
C THR A 258 -20.34 15.31 -1.74
N LEU A 259 -19.20 14.63 -1.67
CA LEU A 259 -18.29 14.82 -0.56
C LEU A 259 -17.34 15.99 -0.83
N PRO A 260 -16.94 16.68 0.23
CA PRO A 260 -15.89 17.70 0.10
C PRO A 260 -14.53 17.05 -0.08
N SER A 261 -13.62 17.80 -0.69
CA SER A 261 -12.24 17.38 -0.77
C SER A 261 -11.58 17.40 0.62
N PHE A 262 -10.40 16.81 0.68
CA PHE A 262 -9.56 16.84 1.87
C PHE A 262 -8.14 17.14 1.44
N THR A 263 -7.53 18.15 2.04
CA THR A 263 -6.18 18.56 1.73
C THR A 263 -5.26 18.17 2.88
N PHE A 264 -4.10 17.61 2.57
CA PHE A 264 -3.07 17.40 3.57
C PHE A 264 -1.79 18.14 3.20
N GLY A 265 -1.06 18.57 4.22
CA GLY A 265 0.17 19.33 4.02
C GLY A 265 1.40 18.43 3.95
N VAL A 266 2.30 18.80 3.05
CA VAL A 266 3.63 18.19 2.95
C VAL A 266 4.56 19.40 2.95
N GLY A 267 5.21 19.66 4.08
CA GLY A 267 5.94 20.90 4.22
C GLY A 267 5.01 22.05 3.92
N SER A 268 5.48 22.98 3.10
CA SER A 268 4.65 24.11 2.71
C SER A 268 3.74 23.78 1.52
N ALA A 269 3.82 22.57 0.98
CA ALA A 269 2.99 22.16 -0.14
C ALA A 269 1.70 21.51 0.33
N ARG A 270 0.78 21.32 -0.61
CA ARG A 270 -0.55 20.81 -0.31
C ARG A 270 -0.94 19.76 -1.35
N ILE A 271 -1.47 18.64 -0.88
CA ILE A 271 -2.04 17.60 -1.75
C ILE A 271 -3.54 17.57 -1.51
N VAL A 272 -4.31 17.67 -2.59
CA VAL A 272 -5.77 17.73 -2.49
C VAL A 272 -6.35 16.39 -2.93
N ILE A 273 -7.07 15.74 -2.02
CA ILE A 273 -7.81 14.52 -2.32
C ILE A 273 -9.23 14.92 -2.74
N PRO A 274 -9.63 14.71 -4.00
CA PRO A 274 -11.01 15.06 -4.38
C PRO A 274 -12.03 14.27 -3.57
N GLY A 275 -13.19 14.89 -3.36
CA GLY A 275 -14.23 14.25 -2.57
C GLY A 275 -14.61 12.87 -3.07
N ASP A 276 -14.65 12.67 -4.40
CA ASP A 276 -15.09 11.37 -4.89
C ASP A 276 -14.14 10.26 -4.47
N TYR A 277 -12.88 10.57 -4.18
CA TYR A 277 -11.93 9.54 -3.76
C TYR A 277 -12.29 8.98 -2.39
N ILE A 278 -13.12 9.70 -1.63
CA ILE A 278 -13.47 9.37 -0.25
C ILE A 278 -14.75 8.53 -0.18
N ASP A 279 -15.37 8.23 -1.32
N ASP A 279 -15.37 8.23 -1.32
CA ASP A 279 -16.62 7.46 -1.39
CA ASP A 279 -16.61 7.47 -1.37
C ASP A 279 -16.29 6.00 -1.66
C ASP A 279 -16.28 6.00 -1.65
N PHE A 280 -16.58 5.13 -0.68
CA PHE A 280 -16.36 3.70 -0.81
C PHE A 280 -17.65 2.92 -1.00
N GLY A 281 -18.73 3.60 -1.36
CA GLY A 281 -19.92 2.97 -1.84
C GLY A 281 -20.75 2.35 -0.74
N PRO A 282 -21.83 1.68 -1.15
CA PRO A 282 -22.78 1.14 -0.17
C PRO A 282 -22.14 0.18 0.82
N ILE A 283 -22.62 0.26 2.07
CA ILE A 283 -22.07 -0.59 3.12
C ILE A 283 -22.43 -2.05 2.91
N SER A 284 -23.50 -2.31 2.18
CA SER A 284 -23.95 -3.63 1.78
C SER A 284 -24.68 -3.41 0.47
N THR A 285 -24.76 -4.45 -0.34
CA THR A 285 -25.35 -4.29 -1.66
C THR A 285 -26.76 -3.70 -1.57
N GLY A 286 -27.00 -2.64 -2.32
CA GLY A 286 -28.30 -1.99 -2.38
C GLY A 286 -28.58 -0.99 -1.29
N SER A 287 -27.70 -0.84 -0.32
CA SER A 287 -27.92 0.13 0.75
C SER A 287 -27.70 1.55 0.25
N SER A 288 -28.43 2.49 0.84
CA SER A 288 -28.21 3.91 0.59
C SER A 288 -27.27 4.56 1.60
N SER A 289 -26.66 3.76 2.49
N SER A 289 -26.68 3.78 2.51
CA SER A 289 -25.63 4.23 3.41
CA SER A 289 -25.63 4.26 3.39
C SER A 289 -24.28 3.83 2.84
C SER A 289 -24.30 3.85 2.78
N CYS A 290 -23.38 4.81 2.67
CA CYS A 290 -22.10 4.60 2.03
C CYS A 290 -20.96 4.70 3.03
N PHE A 291 -19.89 3.99 2.75
CA PHE A 291 -18.76 3.92 3.67
C PHE A 291 -17.73 4.99 3.35
N GLY A 292 -17.26 5.70 4.39
CA GLY A 292 -16.31 6.77 4.17
C GLY A 292 -14.88 6.28 3.97
N GLY A 293 -14.12 7.06 3.18
CA GLY A 293 -12.73 6.72 2.93
C GLY A 293 -11.71 7.39 3.83
N ILE A 294 -12.19 8.23 4.75
CA ILE A 294 -11.41 8.82 5.82
C ILE A 294 -12.01 8.30 7.12
N GLN A 295 -11.17 7.65 7.93
CA GLN A 295 -11.63 7.01 9.14
C GLN A 295 -10.66 7.33 10.27
N SER A 296 -11.14 7.16 11.49
CA SER A 296 -10.31 7.43 12.65
C SER A 296 -9.23 6.37 12.83
N SER A 297 -8.03 6.82 13.19
CA SER A 297 -6.94 5.93 13.55
C SER A 297 -6.97 5.58 15.03
N ALA A 298 -7.94 6.07 15.79
CA ALA A 298 -7.95 5.79 17.23
C ALA A 298 -8.05 4.29 17.45
N GLY A 299 -7.15 3.76 18.26
CA GLY A 299 -7.11 2.33 18.46
C GLY A 299 -6.23 1.57 17.49
N ILE A 300 -5.79 2.21 16.39
CA ILE A 300 -4.74 1.61 15.55
C ILE A 300 -3.38 1.84 16.17
N GLY A 301 -3.17 3.01 16.76
CA GLY A 301 -1.87 3.35 17.30
C GLY A 301 -0.97 4.10 16.35
N ILE A 302 -1.40 4.31 15.10
CA ILE A 302 -0.62 5.07 14.13
C ILE A 302 -1.59 5.62 13.10
N ASN A 303 -1.28 6.80 12.57
CA ASN A 303 -2.02 7.34 11.44
C ASN A 303 -1.47 6.74 10.16
N ILE A 304 -2.37 6.51 9.19
CA ILE A 304 -2.02 5.79 7.96
C ILE A 304 -2.49 6.58 6.75
N PHE A 305 -1.53 7.07 5.97
CA PHE A 305 -1.80 7.68 4.67
C PHE A 305 -1.84 6.53 3.66
N GLY A 306 -3.01 5.90 3.57
CA GLY A 306 -3.24 4.79 2.69
C GLY A 306 -3.59 5.24 1.28
N ASP A 307 -4.14 4.32 0.50
CA ASP A 307 -4.34 4.56 -0.93
C ASP A 307 -5.18 5.80 -1.20
N VAL A 308 -6.21 6.04 -0.37
CA VAL A 308 -7.05 7.23 -0.56
C VAL A 308 -6.21 8.49 -0.66
N ALA A 309 -5.20 8.62 0.20
CA ALA A 309 -4.33 9.78 0.15
C ALA A 309 -3.28 9.66 -0.94
N LEU A 310 -2.60 8.52 -1.00
CA LEU A 310 -1.46 8.39 -1.91
C LEU A 310 -1.88 8.50 -3.37
N LYS A 311 -3.08 8.05 -3.72
CA LYS A 311 -3.48 8.09 -5.12
C LYS A 311 -3.75 9.51 -5.61
N ALA A 312 -3.86 10.48 -4.72
CA ALA A 312 -3.96 11.88 -5.10
C ALA A 312 -2.59 12.49 -5.44
N ALA A 313 -1.50 11.75 -5.31
CA ALA A 313 -0.16 12.29 -5.44
C ALA A 313 0.72 11.34 -6.25
N PHE A 314 1.81 11.91 -6.75
CA PHE A 314 2.95 11.15 -7.20
C PHE A 314 3.91 11.08 -6.00
N VAL A 315 4.25 9.88 -5.56
CA VAL A 315 4.95 9.68 -4.29
C VAL A 315 6.31 9.02 -4.54
N VAL A 316 7.36 9.67 -4.05
CA VAL A 316 8.73 9.18 -4.15
C VAL A 316 9.13 8.57 -2.81
N PHE A 317 9.51 7.30 -2.85
CA PHE A 317 10.07 6.59 -1.71
C PHE A 317 11.59 6.60 -1.93
N ASN A 318 12.26 7.54 -1.27
CA ASN A 318 13.69 7.76 -1.51
C ASN A 318 14.50 6.95 -0.50
N GLY A 319 15.15 5.91 -1.00
CA GLY A 319 15.96 5.02 -0.19
C GLY A 319 17.44 5.34 -0.17
N ALA A 320 17.77 6.61 -0.33
CA ALA A 320 19.12 7.09 -0.10
C ALA A 320 19.55 6.80 1.35
N THR A 321 20.84 7.07 1.61
CA THR A 321 21.41 6.73 2.91
C THR A 321 20.55 7.24 4.06
N THR A 322 20.05 8.46 3.95
CA THR A 322 19.00 8.96 4.84
C THR A 322 17.71 8.96 4.04
N PRO A 323 16.78 8.03 4.27
CA PRO A 323 15.57 8.00 3.45
C PRO A 323 14.72 9.24 3.66
N THR A 324 13.98 9.61 2.61
CA THR A 324 12.98 10.67 2.66
C THR A 324 11.80 10.27 1.80
N LEU A 325 10.72 11.04 1.88
CA LEU A 325 9.54 10.87 1.07
C LEU A 325 9.28 12.14 0.28
N GLY A 326 8.91 11.99 -0.97
CA GLY A 326 8.52 13.12 -1.80
C GLY A 326 7.08 13.01 -2.28
N PHE A 327 6.39 14.14 -2.30
CA PHE A 327 5.02 14.20 -2.81
C PHE A 327 4.90 15.31 -3.83
N ALA A 328 4.26 15.01 -4.95
CA ALA A 328 3.87 16.00 -5.93
C ALA A 328 2.41 15.83 -6.30
N SER A 329 1.76 16.92 -6.68
CA SER A 329 0.46 16.85 -7.31
C SER A 329 0.59 16.26 -8.71
N LYS A 330 -0.54 15.84 -9.29
CA LYS A 330 -0.48 15.22 -10.59
C LYS A 330 -1.78 15.36 -11.35
#